data_9IO6
#
_entry.id   9IO6
#
_cell.length_a   71.731
_cell.length_b   52.206
_cell.length_c   78.133
_cell.angle_alpha   90
_cell.angle_beta   114.549
_cell.angle_gamma   90
#
_symmetry.space_group_name_H-M   'P 1 21 1'
#
loop_
_entity.id
_entity.type
_entity.pdbx_description
1 polymer beta-lactamase
2 non-polymer (2S,5R)-N-(2-aminoethoxy)-1-formyl-5-[(sulfooxy)amino]piperidine-2-carboxamide
3 non-polymer 1,2-ETHANEDIOL
4 non-polymer DI(HYDROXYETHYL)ETHER
5 non-polymer 'CHLORIDE ION'
6 non-polymer 'TETRAETHYLENE GLYCOL'
7 water water
#
_entity_poly.entity_id   1
_entity_poly.type   'polypeptide(L)'
_entity_poly.pdbx_seq_one_letter_code
;MGNKSDAAAKQIKKLEEDFDGRIGVFAIDTGSGNTFGYRSDERFPLCSSFKGFLAAAVLERVQQKKLDINQKVKYESRDL
EYHSPITTKYKGSGMTLGDMASAALQYSDNGATNIIMERFLGGPEGMTKFMRSIGDNEFRLDRWELELNTAIPGDKRDTS
TPKAVANSLNKLALGNVLNAKVKAIYQNWLKGNTTGDARIRASVPADWVVGDKTGSCGAYGTANDYAVIWPKNRAPLIVS
IYTTRKSKDDKHSDKTIAEASRIAIQAIDHHHHHH
;
_entity_poly.pdbx_strand_id   A,B
#
# COMPACT_ATOMS: atom_id res chain seq x y z
N ASN A 3 30.82 28.55 -3.35
CA ASN A 3 29.85 29.63 -3.72
C ASN A 3 28.43 29.06 -3.85
N LYS A 4 28.35 27.75 -4.10
CA LYS A 4 27.09 27.15 -4.52
C LYS A 4 26.13 27.18 -3.34
N SER A 5 26.70 26.97 -2.15
CA SER A 5 25.95 26.99 -0.91
C SER A 5 25.46 28.42 -0.61
N ASP A 6 26.36 29.40 -0.83
CA ASP A 6 26.06 30.81 -0.58
C ASP A 6 25.02 31.34 -1.56
N ALA A 7 25.08 30.85 -2.81
CA ALA A 7 24.10 31.21 -3.83
C ALA A 7 22.73 30.65 -3.46
N ALA A 8 22.70 29.41 -2.97
CA ALA A 8 21.42 28.83 -2.58
C ALA A 8 20.83 29.57 -1.40
N ALA A 9 21.69 29.90 -0.41
CA ALA A 9 21.26 30.67 0.75
C ALA A 9 20.66 32.02 0.33
N LYS A 10 21.31 32.70 -0.61
CA LYS A 10 20.77 33.96 -1.13
C LYS A 10 19.34 33.75 -1.66
N GLN A 11 19.11 32.64 -2.35
CA GLN A 11 17.81 32.38 -2.96
C GLN A 11 16.76 32.11 -1.91
N ILE A 12 17.09 31.34 -0.86
CA ILE A 12 16.11 31.05 0.18
C ILE A 12 15.76 32.35 0.90
N LYS A 13 16.79 33.15 1.20
CA LYS A 13 16.62 34.39 1.92
C LYS A 13 15.65 35.30 1.17
N LYS A 14 15.82 35.41 -0.15
CA LYS A 14 14.94 36.22 -0.96
C LYS A 14 13.51 35.69 -0.90
N LEU A 15 13.37 34.37 -1.05
CA LEU A 15 12.07 33.70 -1.01
C LEU A 15 11.35 33.96 0.31
N GLU A 16 12.08 33.92 1.43
CA GLU A 16 11.44 34.12 2.73
C GLU A 16 11.01 35.59 2.84
N GLU A 17 11.81 36.48 2.27
CA GLU A 17 11.46 37.89 2.32
C GLU A 17 10.26 38.18 1.42
N ASP A 18 10.20 37.51 0.27
CA ASP A 18 9.13 37.68 -0.68
C ASP A 18 7.75 37.40 -0.07
N PHE A 19 7.65 36.40 0.83
CA PHE A 19 6.35 36.08 1.43
C PHE A 19 6.26 36.50 2.90
N ASP A 20 7.21 37.31 3.36
CA ASP A 20 7.22 37.85 4.71
C ASP A 20 7.21 36.73 5.76
N GLY A 21 8.19 35.81 5.70
CA GLY A 21 8.18 34.69 6.62
C GLY A 21 9.57 34.15 6.85
N ARG A 22 9.63 32.87 7.24
CA ARG A 22 10.88 32.26 7.63
C ARG A 22 10.94 30.85 7.03
N ILE A 23 12.08 30.53 6.42
CA ILE A 23 12.22 29.22 5.79
C ILE A 23 13.43 28.50 6.38
N GLY A 24 13.22 27.26 6.80
CA GLY A 24 14.32 26.43 7.28
C GLY A 24 14.49 25.22 6.37
N VAL A 25 15.73 24.95 5.97
CA VAL A 25 16.00 23.88 5.01
C VAL A 25 17.18 23.03 5.49
N PHE A 26 17.07 21.70 5.30
CA PHE A 26 18.24 20.83 5.30
C PHE A 26 18.06 19.74 4.24
N ALA A 27 19.12 19.51 3.44
CA ALA A 27 19.09 18.48 2.42
C ALA A 27 20.40 17.69 2.39
N ILE A 28 20.30 16.40 2.05
CA ILE A 28 21.42 15.47 2.06
C ILE A 28 21.37 14.68 0.74
N ASP A 29 22.48 14.62 0.00
CA ASP A 29 22.64 13.61 -1.04
C ASP A 29 23.38 12.45 -0.39
N THR A 30 22.65 11.35 -0.17
CA THR A 30 23.18 10.21 0.58
C THR A 30 24.24 9.47 -0.25
N GLY A 31 24.41 9.84 -1.53
CA GLY A 31 25.46 9.24 -2.34
C GLY A 31 26.83 9.89 -2.08
N SER A 32 26.87 11.21 -2.15
CA SER A 32 28.12 11.97 -2.07
C SER A 32 28.39 12.43 -0.64
N GLY A 33 27.34 12.45 0.18
CA GLY A 33 27.43 13.06 1.49
C GLY A 33 27.25 14.58 1.48
N ASN A 34 27.01 15.18 0.29
CA ASN A 34 26.90 16.63 0.23
C ASN A 34 25.63 17.09 0.95
N THR A 35 25.69 18.17 1.70
CA THR A 35 24.52 18.69 2.40
C THR A 35 24.34 20.17 2.07
N PHE A 36 23.14 20.70 2.33
CA PHE A 36 22.86 22.12 2.28
C PHE A 36 21.91 22.44 3.42
N GLY A 37 22.22 23.49 4.18
CA GLY A 37 21.37 23.93 5.29
C GLY A 37 21.13 25.44 5.25
N TYR A 38 19.92 25.87 5.61
CA TYR A 38 19.56 27.28 5.79
C TYR A 38 18.61 27.38 6.98
N ARG A 39 19.02 28.14 8.01
CA ARG A 39 18.36 28.18 9.30
C ARG A 39 18.11 26.75 9.78
N SER A 40 19.08 25.85 9.53
CA SER A 40 18.84 24.43 9.72
C SER A 40 18.86 24.04 11.20
N ASP A 41 19.34 24.96 12.08
CA ASP A 41 19.34 24.71 13.52
C ASP A 41 18.27 25.54 14.25
N GLU A 42 17.46 26.31 13.51
CA GLU A 42 16.39 27.05 14.18
C GLU A 42 15.17 26.15 14.35
N ARG A 43 14.32 26.47 15.32
CA ARG A 43 13.15 25.69 15.66
C ARG A 43 11.97 26.12 14.79
N PHE A 44 11.20 25.11 14.33
CA PHE A 44 9.96 25.33 13.62
C PHE A 44 8.91 24.38 14.20
N PRO A 45 7.61 24.78 14.22
CA PRO A 45 6.52 23.88 14.62
C PRO A 45 6.49 22.61 13.76
N LEU A 46 6.23 21.46 14.37
CA LEU A 46 6.16 20.19 13.64
C LEU A 46 4.84 20.06 12.88
N CYS A 47 3.74 20.53 13.48
CA CYS A 47 2.40 20.28 12.94
C CYS A 47 2.24 18.77 12.72
N SER A 48 1.55 18.38 11.64
CA SER A 48 1.26 16.98 11.35
C SER A 48 2.50 16.17 10.95
N SER A 49 3.63 16.84 10.70
CA SER A 49 4.81 16.12 10.21
C SER A 49 5.33 15.09 11.22
N PHE A 50 5.06 15.29 12.51
CA PHE A 50 5.53 14.35 13.53
C PHE A 50 4.89 12.97 13.32
N LYS A 51 3.74 12.93 12.63
CA LYS A 51 2.99 11.69 12.43
C LYS A 51 3.80 10.68 11.63
N GLY A 52 4.69 11.18 10.76
CA GLY A 52 5.60 10.30 10.04
C GLY A 52 6.53 9.57 10.98
N PHE A 53 6.90 10.20 12.12
CA PHE A 53 7.82 9.59 13.06
C PHE A 53 7.03 8.67 14.00
N LEU A 54 5.78 9.06 14.31
CA LEU A 54 4.90 8.25 15.13
C LEU A 54 4.77 6.85 14.51
N ALA A 55 4.59 6.80 13.18
CA ALA A 55 4.40 5.56 12.46
C ALA A 55 5.66 4.68 12.56
N ALA A 56 6.84 5.33 12.50
CA ALA A 56 8.11 4.63 12.64
C ALA A 56 8.23 4.04 14.05
N ALA A 57 7.80 4.80 15.08
CA ALA A 57 7.83 4.31 16.46
C ALA A 57 6.98 3.04 16.61
N VAL A 58 5.76 3.03 16.03
CA VAL A 58 4.90 1.85 16.02
C VAL A 58 5.64 0.64 15.41
N LEU A 59 6.27 0.86 14.26
CA LEU A 59 6.94 -0.21 13.53
C LEU A 59 8.12 -0.77 14.33
N GLU A 60 8.82 0.09 15.09
CA GLU A 60 9.91 -0.37 15.93
C GLU A 60 9.39 -1.34 17.00
N ARG A 61 8.25 -0.98 17.63
CA ARG A 61 7.60 -1.80 18.64
C ARG A 61 7.19 -3.14 18.05
N VAL A 62 6.63 -3.10 16.84
CA VAL A 62 6.26 -4.27 16.06
C VAL A 62 7.47 -5.18 15.88
N GLN A 63 8.60 -4.60 15.45
CA GLN A 63 9.79 -5.41 15.14
C GLN A 63 10.36 -5.99 16.43
N GLN A 64 10.17 -5.30 17.57
CA GLN A 64 10.65 -5.79 18.86
C GLN A 64 9.66 -6.77 19.47
N LYS A 65 8.57 -7.05 18.75
CA LYS A 65 7.54 -8.01 19.13
C LYS A 65 6.74 -7.53 20.34
N LYS A 66 6.74 -6.23 20.60
CA LYS A 66 5.98 -5.65 21.69
C LYS A 66 4.55 -5.40 21.23
N LEU A 67 4.35 -5.30 19.91
CA LEU A 67 3.04 -5.10 19.32
C LEU A 67 2.97 -5.97 18.06
N ASP A 68 1.75 -6.27 17.62
CA ASP A 68 1.53 -6.99 16.38
C ASP A 68 0.85 -6.07 15.37
N ILE A 69 1.41 -6.02 14.16
CA ILE A 69 0.91 -5.13 13.11
C ILE A 69 -0.55 -5.44 12.77
N ASN A 70 -1.02 -6.66 13.09
CA ASN A 70 -2.35 -7.11 12.70
C ASN A 70 -3.32 -7.09 13.88
N GLN A 71 -2.86 -6.68 15.07
CA GLN A 71 -3.79 -6.70 16.20
C GLN A 71 -4.88 -5.67 15.94
N LYS A 72 -6.10 -5.99 16.39
CA LYS A 72 -7.27 -5.15 16.19
C LYS A 72 -7.26 -4.03 17.22
N VAL A 73 -7.48 -2.79 16.76
CA VAL A 73 -7.58 -1.64 17.64
C VAL A 73 -9.04 -1.15 17.58
N LYS A 74 -9.75 -1.26 18.70
CA LYS A 74 -11.16 -0.90 18.77
C LYS A 74 -11.32 0.43 19.51
N TYR A 75 -12.34 1.20 19.10
CA TYR A 75 -12.54 2.58 19.56
C TYR A 75 -13.99 2.97 19.34
N GLU A 76 -14.88 1.99 19.51
CA GLU A 76 -16.30 2.08 19.17
C GLU A 76 -16.97 3.22 19.93
N SER A 77 -16.43 3.57 21.10
CA SER A 77 -17.06 4.51 22.01
C SER A 77 -16.42 5.89 21.92
N ARG A 78 -15.32 6.02 21.15
CA ARG A 78 -14.50 7.22 21.19
C ARG A 78 -15.20 8.39 20.51
N ASP A 79 -15.05 9.59 21.09
CA ASP A 79 -15.43 10.81 20.40
C ASP A 79 -14.26 11.24 19.55
N LEU A 80 -14.31 10.94 18.25
CA LEU A 80 -13.19 11.14 17.33
C LEU A 80 -12.87 12.61 17.13
N GLU A 81 -11.56 12.92 17.18
CA GLU A 81 -11.04 14.25 16.95
C GLU A 81 -11.43 14.75 15.56
N TYR A 82 -11.48 16.08 15.41
CA TYR A 82 -11.60 16.70 14.10
C TYR A 82 -10.50 16.17 13.17
N HIS A 83 -10.86 16.02 11.90
CA HIS A 83 -10.01 15.50 10.83
C HIS A 83 -9.54 14.10 11.18
N SER A 84 -10.50 13.18 11.32
CA SER A 84 -10.29 11.74 11.48
C SER A 84 -11.05 11.03 10.36
N PRO A 85 -10.72 11.29 9.08
CA PRO A 85 -11.52 10.74 7.97
C PRO A 85 -11.45 9.22 7.86
N ILE A 86 -10.31 8.62 8.25
CA ILE A 86 -10.13 7.19 8.10
C ILE A 86 -10.70 6.45 9.32
N THR A 87 -10.27 6.85 10.52
CA THR A 87 -10.81 6.24 11.74
C THR A 87 -12.33 6.34 11.81
N THR A 88 -12.91 7.46 11.33
CA THR A 88 -14.36 7.64 11.35
C THR A 88 -15.01 6.52 10.53
N LYS A 89 -14.38 6.15 9.42
CA LYS A 89 -15.03 5.22 8.51
C LYS A 89 -15.03 3.81 9.11
N TYR A 90 -14.08 3.49 9.98
CA TYR A 90 -13.93 2.11 10.46
C TYR A 90 -14.28 1.98 11.94
N LYS A 91 -14.97 2.98 12.49
CA LYS A 91 -15.25 3.06 13.92
C LYS A 91 -16.03 1.83 14.40
N GLY A 92 -16.96 1.35 13.56
CA GLY A 92 -17.78 0.21 13.90
C GLY A 92 -16.98 -1.11 13.92
N SER A 93 -15.96 -1.23 13.09
CA SER A 93 -15.28 -2.51 12.90
C SER A 93 -13.93 -2.57 13.61
N GLY A 94 -13.34 -1.41 13.88
CA GLY A 94 -11.95 -1.37 14.35
C GLY A 94 -11.00 -1.32 13.17
N MET A 95 -9.70 -1.09 13.48
CA MET A 95 -8.67 -1.13 12.47
C MET A 95 -7.48 -1.91 13.01
N THR A 96 -6.70 -2.52 12.11
CA THR A 96 -5.45 -3.13 12.54
C THR A 96 -4.49 -2.02 12.96
N LEU A 97 -3.58 -2.34 13.88
CA LEU A 97 -2.52 -1.42 14.31
C LEU A 97 -1.79 -0.85 13.09
N GLY A 98 -1.44 -1.71 12.13
CA GLY A 98 -0.75 -1.26 10.93
C GLY A 98 -1.58 -0.23 10.15
N ASP A 99 -2.86 -0.55 9.94
CA ASP A 99 -3.78 0.30 9.19
C ASP A 99 -3.94 1.64 9.92
N MET A 100 -4.02 1.60 11.25
CA MET A 100 -4.22 2.83 12.00
C MET A 100 -2.98 3.72 11.89
N ALA A 101 -1.79 3.13 12.01
CA ALA A 101 -0.53 3.87 11.95
C ALA A 101 -0.35 4.49 10.57
N SER A 102 -0.65 3.69 9.52
CA SER A 102 -0.47 4.20 8.17
C SER A 102 -1.51 5.28 7.87
N ALA A 103 -2.70 5.21 8.48
CA ALA A 103 -3.72 6.26 8.36
C ALA A 103 -3.21 7.56 8.98
N ALA A 104 -2.60 7.47 10.17
CA ALA A 104 -2.02 8.64 10.82
C ALA A 104 -1.05 9.34 9.87
N LEU A 105 -0.18 8.56 9.22
CA LEU A 105 0.81 9.09 8.30
C LEU A 105 0.15 9.59 7.01
N GLN A 106 -0.58 8.72 6.30
CA GLN A 106 -0.90 9.02 4.90
C GLN A 106 -2.08 9.98 4.76
N TYR A 107 -2.93 10.08 5.80
CA TYR A 107 -4.12 10.92 5.72
C TYR A 107 -4.15 11.95 6.84
N SER A 108 -3.10 11.99 7.68
CA SER A 108 -3.03 12.88 8.82
C SER A 108 -4.24 12.70 9.74
N ASP A 109 -4.62 11.46 10.01
CA ASP A 109 -5.82 11.18 10.79
C ASP A 109 -5.53 11.45 12.27
N ASN A 110 -6.21 12.42 12.86
CA ASN A 110 -5.96 12.82 14.23
C ASN A 110 -6.42 11.80 15.26
N GLY A 111 -7.56 11.14 15.03
CA GLY A 111 -8.00 10.09 15.92
C GLY A 111 -6.95 8.98 16.00
N ALA A 112 -6.45 8.54 14.82
CA ALA A 112 -5.42 7.51 14.71
C ALA A 112 -4.20 7.91 15.53
N THR A 113 -3.82 9.18 15.40
CA THR A 113 -2.66 9.73 16.08
C THR A 113 -2.82 9.67 17.61
N ASN A 114 -3.93 10.18 18.14
CA ASN A 114 -4.13 10.26 19.58
C ASN A 114 -4.32 8.86 20.18
N ILE A 115 -5.03 7.98 19.45
CA ILE A 115 -5.25 6.62 19.92
C ILE A 115 -3.89 5.93 20.12
N ILE A 116 -3.01 6.02 19.11
CA ILE A 116 -1.70 5.41 19.14
C ILE A 116 -0.86 5.99 20.29
N MET A 117 -0.90 7.31 20.47
CA MET A 117 -0.13 7.90 21.57
C MET A 117 -0.70 7.49 22.95
N GLU A 118 -2.01 7.38 23.09
CA GLU A 118 -2.61 7.00 24.37
C GLU A 118 -2.31 5.54 24.72
N ARG A 119 -2.32 4.64 23.72
CA ARG A 119 -2.35 3.22 24.04
C ARG A 119 -0.99 2.54 23.88
N PHE A 120 -0.16 3.02 22.94
CA PHE A 120 1.02 2.26 22.53
C PHE A 120 2.32 3.03 22.72
N LEU A 121 2.27 4.37 22.69
CA LEU A 121 3.53 5.10 22.59
C LEU A 121 3.89 5.87 23.86
N GLY A 122 2.97 5.96 24.85
CA GLY A 122 3.28 6.69 26.08
C GLY A 122 3.13 8.21 25.90
N GLY A 123 2.20 8.64 25.05
CA GLY A 123 1.86 10.05 24.94
C GLY A 123 2.96 10.86 24.25
N PRO A 124 2.84 12.22 24.25
CA PRO A 124 3.92 13.10 23.75
C PRO A 124 5.30 12.86 24.36
N GLU A 125 5.33 12.54 25.68
CA GLU A 125 6.59 12.21 26.34
C GLU A 125 7.24 11.00 25.67
N GLY A 126 6.44 9.95 25.42
CA GLY A 126 6.91 8.69 24.85
C GLY A 126 7.34 8.87 23.40
N MET A 127 6.61 9.72 22.66
CA MET A 127 7.01 10.12 21.32
C MET A 127 8.39 10.79 21.33
N THR A 128 8.61 11.72 22.27
CA THR A 128 9.88 12.40 22.42
C THR A 128 10.98 11.40 22.80
N LYS A 129 10.66 10.43 23.66
CA LYS A 129 11.66 9.48 24.10
C LYS A 129 12.11 8.60 22.93
N PHE A 130 11.17 8.20 22.07
CA PHE A 130 11.51 7.48 20.85
C PHE A 130 12.55 8.23 20.02
N MET A 131 12.32 9.55 19.83
CA MET A 131 13.23 10.34 19.01
C MET A 131 14.61 10.45 19.68
N ARG A 132 14.63 10.63 21.03
CA ARG A 132 15.86 10.60 21.79
C ARG A 132 16.59 9.26 21.56
N SER A 133 15.83 8.15 21.47
CA SER A 133 16.39 6.83 21.31
C SER A 133 17.14 6.66 19.99
N ILE A 134 16.82 7.47 18.96
CA ILE A 134 17.56 7.33 17.71
C ILE A 134 18.62 8.44 17.61
N GLY A 135 18.80 9.21 18.69
CA GLY A 135 19.85 10.21 18.77
C GLY A 135 19.41 11.57 18.26
N ASP A 136 18.09 11.79 18.18
CA ASP A 136 17.55 13.08 17.82
C ASP A 136 17.32 13.89 19.10
N ASN A 137 18.17 14.91 19.31
CA ASN A 137 18.16 15.68 20.55
C ASN A 137 17.34 16.97 20.43
N GLU A 138 16.83 17.27 19.23
CA GLU A 138 16.11 18.52 19.02
C GLU A 138 14.59 18.34 19.15
N PHE A 139 14.06 17.24 18.61
CA PHE A 139 12.62 17.02 18.53
C PHE A 139 12.00 17.06 19.92
N ARG A 140 10.86 17.75 20.04
CA ARG A 140 10.07 17.67 21.27
C ARG A 140 8.60 17.73 20.91
N LEU A 141 7.83 16.78 21.44
CA LEU A 141 6.38 16.85 21.31
C LEU A 141 5.84 17.03 22.72
N ASP A 142 5.03 18.07 22.93
CA ASP A 142 4.63 18.46 24.27
C ASP A 142 3.14 18.22 24.49
N ARG A 143 2.35 18.33 23.41
CA ARG A 143 0.89 18.35 23.53
C ARG A 143 0.29 17.30 22.60
N TRP A 144 -1.03 17.11 22.72
CA TRP A 144 -1.79 16.17 21.92
C TRP A 144 -2.39 16.88 20.71
N GLU A 145 -2.91 16.11 19.74
CA GLU A 145 -3.77 16.68 18.72
C GLU A 145 -5.04 17.17 19.40
N LEU A 146 -5.51 18.39 19.07
CA LEU A 146 -5.02 19.25 18.00
C LEU A 146 -4.27 20.45 18.58
N GLU A 147 -4.16 20.56 19.91
CA GLU A 147 -3.57 21.76 20.48
C GLU A 147 -2.08 21.91 20.13
N LEU A 148 -1.43 20.84 19.66
CA LEU A 148 -0.02 20.90 19.31
C LEU A 148 0.25 21.80 18.09
N ASN A 149 -0.83 22.31 17.48
CA ASN A 149 -0.81 23.00 16.19
C ASN A 149 -0.93 24.51 16.32
N THR A 150 -0.78 25.07 17.54
CA THR A 150 -0.93 26.51 17.73
C THR A 150 0.12 27.34 17.01
N ALA A 151 1.34 26.82 16.81
CA ALA A 151 2.37 27.50 16.03
C ALA A 151 2.67 28.93 16.49
N ILE A 152 2.64 29.18 17.81
CA ILE A 152 2.82 30.53 18.34
C ILE A 152 4.28 30.94 18.19
N PRO A 153 4.60 32.10 17.55
CA PRO A 153 5.99 32.55 17.42
C PRO A 153 6.72 32.53 18.76
N GLY A 154 7.93 31.94 18.77
CA GLY A 154 8.79 31.91 19.94
C GLY A 154 8.50 30.73 20.86
N ASP A 155 7.40 30.00 20.62
CA ASP A 155 7.00 28.90 21.47
C ASP A 155 7.79 27.65 21.05
N LYS A 156 8.43 27.01 22.04
CA LYS A 156 9.30 25.87 21.82
C LYS A 156 8.53 24.54 21.81
N ARG A 157 7.27 24.56 22.28
CA ARG A 157 6.48 23.34 22.33
C ARG A 157 6.27 22.80 20.92
N ASP A 158 6.40 21.48 20.76
CA ASP A 158 6.02 20.80 19.53
C ASP A 158 6.81 21.35 18.34
N THR A 159 8.14 21.47 18.53
CA THR A 159 9.05 21.97 17.50
C THR A 159 10.18 20.95 17.28
N SER A 160 10.87 21.10 16.15
CA SER A 160 12.18 20.51 15.93
C SER A 160 12.96 21.47 15.03
N THR A 161 14.09 20.99 14.46
CA THR A 161 14.85 21.81 13.53
C THR A 161 14.86 21.09 12.18
N PRO A 162 15.01 21.80 11.03
CA PRO A 162 15.14 21.13 9.72
C PRO A 162 16.21 20.03 9.64
N LYS A 163 17.36 20.28 10.29
CA LYS A 163 18.49 19.35 10.23
C LYS A 163 18.16 18.09 11.03
N ALA A 164 17.55 18.29 12.21
CA ALA A 164 17.26 17.15 13.08
C ALA A 164 16.21 16.26 12.42
N VAL A 165 15.25 16.90 11.75
CA VAL A 165 14.20 16.20 11.04
C VAL A 165 14.84 15.40 9.89
N ALA A 166 15.73 16.03 9.13
CA ALA A 166 16.37 15.37 8.00
C ALA A 166 17.20 14.18 8.47
N ASN A 167 17.98 14.38 9.54
CA ASN A 167 18.84 13.32 10.07
C ASN A 167 18.01 12.15 10.55
N SER A 168 16.95 12.43 11.31
CA SER A 168 16.07 11.38 11.80
C SER A 168 15.42 10.57 10.66
N LEU A 169 14.93 11.30 9.63
CA LEU A 169 14.32 10.65 8.49
C LEU A 169 15.32 9.74 7.79
N ASN A 170 16.56 10.19 7.69
CA ASN A 170 17.63 9.44 7.06
C ASN A 170 17.84 8.12 7.84
N LYS A 171 17.97 8.22 9.17
CA LYS A 171 18.19 7.07 10.04
C LYS A 171 17.05 6.06 9.92
N LEU A 172 15.80 6.57 9.87
CA LEU A 172 14.60 5.73 9.91
C LEU A 172 14.27 5.12 8.55
N ALA A 173 14.24 5.96 7.50
CA ALA A 173 13.85 5.51 6.18
C ALA A 173 14.99 4.79 5.44
N LEU A 174 16.26 5.11 5.77
CA LEU A 174 17.38 4.62 4.97
C LEU A 174 18.41 3.85 5.81
N GLY A 175 18.43 4.10 7.12
CA GLY A 175 19.49 3.56 7.98
C GLY A 175 19.05 2.29 8.69
N ASN A 176 19.52 2.15 9.95
CA ASN A 176 19.60 0.87 10.66
C ASN A 176 18.53 0.72 11.74
N VAL A 177 17.72 1.75 11.97
CA VAL A 177 16.82 1.70 13.11
C VAL A 177 15.83 0.55 12.90
N LEU A 178 15.26 0.44 11.70
CA LEU A 178 14.31 -0.61 11.37
C LEU A 178 15.03 -1.68 10.57
N ASN A 179 14.66 -2.96 10.75
CA ASN A 179 15.29 -4.03 9.96
C ASN A 179 14.76 -3.97 8.51
N ALA A 180 15.38 -4.73 7.61
CA ALA A 180 15.13 -4.63 6.18
C ALA A 180 13.64 -4.72 5.84
N LYS A 181 12.95 -5.65 6.51
CA LYS A 181 11.54 -5.98 6.29
C LYS A 181 10.65 -4.82 6.73
N VAL A 182 10.86 -4.34 7.95
CA VAL A 182 10.02 -3.31 8.52
C VAL A 182 10.35 -1.96 7.89
N LYS A 183 11.63 -1.74 7.57
CA LYS A 183 12.02 -0.51 6.84
C LYS A 183 11.26 -0.41 5.52
N ALA A 184 11.09 -1.53 4.81
CA ALA A 184 10.41 -1.55 3.52
C ALA A 184 8.93 -1.14 3.69
N ILE A 185 8.33 -1.55 4.82
CA ILE A 185 6.97 -1.15 5.13
C ILE A 185 6.90 0.36 5.35
N TYR A 186 7.87 0.89 6.10
CA TYR A 186 7.91 2.31 6.41
C TYR A 186 8.04 3.12 5.12
N GLN A 187 8.94 2.67 4.24
CA GLN A 187 9.18 3.33 2.96
C GLN A 187 7.88 3.37 2.15
N ASN A 188 7.17 2.24 2.10
CA ASN A 188 5.94 2.11 1.33
C ASN A 188 4.88 3.05 1.89
N TRP A 189 4.80 3.15 3.23
CA TRP A 189 3.88 4.08 3.85
C TRP A 189 4.15 5.52 3.44
N LEU A 190 5.42 5.95 3.53
CA LEU A 190 5.83 7.28 3.09
C LEU A 190 5.51 7.49 1.60
N LYS A 191 5.82 6.49 0.76
CA LYS A 191 5.55 6.60 -0.67
C LYS A 191 4.06 6.81 -0.94
N GLY A 192 3.19 6.23 -0.09
CA GLY A 192 1.75 6.36 -0.29
C GLY A 192 1.12 7.55 0.44
N ASN A 193 1.93 8.51 0.95
CA ASN A 193 1.37 9.69 1.58
C ASN A 193 0.49 10.43 0.57
N THR A 194 -0.67 10.95 1.01
CA THR A 194 -1.64 11.53 0.07
C THR A 194 -1.67 13.06 0.14
N THR A 195 -0.92 13.68 1.06
CA THR A 195 -1.13 15.09 1.37
C THR A 195 -0.01 15.99 0.83
N GLY A 196 0.95 15.42 0.08
CA GLY A 196 2.17 16.15 -0.20
C GLY A 196 2.38 16.49 -1.68
N ASP A 197 1.32 16.40 -2.50
CA ASP A 197 1.44 16.53 -3.95
C ASP A 197 1.89 17.93 -4.38
N ALA A 198 1.67 18.96 -3.56
CA ALA A 198 1.96 20.32 -3.98
C ALA A 198 3.29 20.83 -3.39
N ARG A 199 4.04 19.93 -2.74
CA ARG A 199 5.20 20.36 -1.98
C ARG A 199 6.47 19.78 -2.59
N ILE A 200 7.20 18.95 -1.82
CA ILE A 200 8.45 18.39 -2.31
C ILE A 200 8.19 17.60 -3.59
N ARG A 201 7.07 16.86 -3.64
CA ARG A 201 6.73 16.09 -4.83
C ARG A 201 6.69 16.98 -6.08
N ALA A 202 6.28 18.24 -5.91
CA ALA A 202 6.10 19.15 -7.03
C ALA A 202 7.46 19.67 -7.52
N SER A 203 8.53 19.34 -6.79
CA SER A 203 9.82 19.93 -7.10
C SER A 203 10.74 18.99 -7.88
N VAL A 204 10.30 17.76 -8.18
CA VAL A 204 11.14 16.77 -8.86
C VAL A 204 10.36 16.17 -10.03
N PRO A 205 11.02 15.55 -11.03
CA PRO A 205 10.32 14.90 -12.14
C PRO A 205 9.32 13.81 -11.72
N ALA A 206 8.26 13.68 -12.54
CA ALA A 206 7.17 12.73 -12.36
C ALA A 206 7.70 11.32 -12.07
N ASP A 207 8.84 10.97 -12.65
CA ASP A 207 9.28 9.57 -12.60
C ASP A 207 10.30 9.35 -11.49
N TRP A 208 10.58 10.35 -10.66
CA TRP A 208 11.34 10.09 -9.43
C TRP A 208 10.36 9.59 -8.36
N VAL A 209 10.81 8.65 -7.54
CA VAL A 209 9.92 8.12 -6.52
C VAL A 209 10.13 8.91 -5.23
N VAL A 210 9.02 9.31 -4.58
CA VAL A 210 9.09 10.15 -3.40
C VAL A 210 8.22 9.53 -2.30
N GLY A 211 8.74 9.51 -1.07
CA GLY A 211 7.96 9.30 0.13
C GLY A 211 8.05 10.56 0.99
N ASP A 212 6.93 11.02 1.56
CA ASP A 212 6.98 12.28 2.31
C ASP A 212 5.95 12.27 3.44
N LYS A 213 6.07 13.25 4.36
CA LYS A 213 5.00 13.62 5.27
C LYS A 213 4.98 15.15 5.40
N THR A 214 3.77 15.74 5.28
CA THR A 214 3.55 17.17 5.38
C THR A 214 3.07 17.55 6.79
N GLY A 215 3.12 18.86 7.07
CA GLY A 215 2.44 19.48 8.20
C GLY A 215 1.86 20.83 7.79
N SER A 216 0.66 21.13 8.29
CA SER A 216 -0.06 22.37 8.01
C SER A 216 -0.80 22.83 9.26
N CYS A 217 -0.09 23.52 10.17
CA CYS A 217 -0.62 23.90 11.48
C CYS A 217 -1.95 24.63 11.38
N GLY A 218 -2.08 25.53 10.40
CA GLY A 218 -3.32 26.30 10.22
C GLY A 218 -3.32 27.59 11.04
N ALA A 219 -2.14 28.03 11.45
CA ALA A 219 -1.93 29.31 12.11
C ALA A 219 -0.54 29.80 11.70
N TYR A 220 -0.36 31.12 11.57
CA TYR A 220 0.94 31.72 11.31
C TYR A 220 1.55 31.21 10.01
N GLY A 221 0.71 30.96 9.00
CA GLY A 221 1.17 30.45 7.70
C GLY A 221 2.21 29.34 7.84
N THR A 222 2.09 28.50 8.88
CA THR A 222 3.05 27.46 9.23
C THR A 222 2.73 26.15 8.52
N ALA A 223 3.71 25.69 7.71
CA ALA A 223 3.57 24.46 6.95
C ALA A 223 4.97 23.90 6.64
N ASN A 224 5.01 22.60 6.32
CA ASN A 224 6.29 21.92 6.16
C ASN A 224 6.13 20.63 5.34
N ASP A 225 7.28 20.03 5.02
CA ASP A 225 7.35 18.77 4.31
C ASP A 225 8.74 18.19 4.51
N TYR A 226 8.80 16.87 4.70
CA TYR A 226 10.06 16.16 4.60
C TYR A 226 9.88 14.95 3.69
N ALA A 227 10.97 14.52 3.04
CA ALA A 227 10.90 13.53 1.98
C ALA A 227 12.20 12.74 1.85
N VAL A 228 12.04 11.47 1.49
CA VAL A 228 13.09 10.67 0.89
C VAL A 228 12.74 10.57 -0.60
N ILE A 229 13.72 10.91 -1.45
CA ILE A 229 13.55 11.00 -2.89
C ILE A 229 14.52 10.01 -3.52
N TRP A 230 13.99 9.09 -4.33
CA TRP A 230 14.82 8.20 -5.13
C TRP A 230 14.90 8.72 -6.56
N PRO A 231 15.97 9.44 -6.97
CA PRO A 231 16.08 9.89 -8.35
C PRO A 231 16.38 8.66 -9.19
N LYS A 232 15.94 8.69 -10.46
CA LYS A 232 16.21 7.62 -11.42
C LYS A 232 17.71 7.30 -11.43
N ASN A 233 18.04 6.06 -11.07
CA ASN A 233 19.39 5.49 -11.15
C ASN A 233 20.42 6.13 -10.20
N ARG A 234 19.99 6.99 -9.25
CA ARG A 234 20.92 7.66 -8.34
C ARG A 234 20.66 7.22 -6.90
N ALA A 235 21.60 7.49 -5.99
CA ALA A 235 21.38 7.29 -4.56
C ALA A 235 20.29 8.24 -4.07
N PRO A 236 19.50 7.85 -3.03
CA PRO A 236 18.44 8.74 -2.50
C PRO A 236 18.91 10.07 -1.92
N LEU A 237 17.98 11.06 -1.93
CA LEU A 237 18.15 12.38 -1.33
C LEU A 237 17.21 12.46 -0.12
N ILE A 238 17.59 13.28 0.87
CA ILE A 238 16.72 13.64 1.98
C ILE A 238 16.52 15.15 1.93
N VAL A 239 15.25 15.58 2.03
CA VAL A 239 14.92 16.99 1.95
C VAL A 239 13.92 17.28 3.06
N SER A 240 14.21 18.35 3.81
CA SER A 240 13.43 18.80 4.96
C SER A 240 13.22 20.32 4.85
N ILE A 241 11.95 20.75 4.73
CA ILE A 241 11.58 22.14 4.52
C ILE A 241 10.51 22.54 5.55
N TYR A 242 10.82 23.53 6.39
CA TYR A 242 9.92 24.08 7.41
C TYR A 242 9.72 25.57 7.15
N THR A 243 8.49 26.06 7.28
CA THR A 243 8.17 27.47 7.05
C THR A 243 7.22 28.01 8.12
N THR A 244 7.36 29.30 8.45
CA THR A 244 6.41 30.06 9.26
C THR A 244 6.21 31.41 8.58
N ARG A 245 5.16 32.13 8.97
CA ARG A 245 4.87 33.46 8.45
C ARG A 245 4.63 34.41 9.62
N LYS A 246 4.73 35.72 9.35
CA LYS A 246 4.71 36.74 10.38
C LYS A 246 3.39 36.76 11.15
N SER A 247 2.26 36.78 10.43
CA SER A 247 0.97 37.07 11.06
C SER A 247 0.13 35.82 11.27
N LYS A 248 -0.68 35.86 12.33
CA LYS A 248 -1.52 34.76 12.73
C LYS A 248 -2.42 34.29 11.59
N ASP A 249 -2.95 35.23 10.81
CA ASP A 249 -3.92 34.94 9.77
C ASP A 249 -3.28 34.65 8.42
N ASP A 250 -1.95 34.68 8.33
CA ASP A 250 -1.29 34.36 7.07
C ASP A 250 -1.57 32.89 6.74
N LYS A 251 -1.79 32.60 5.46
CA LYS A 251 -2.00 31.24 4.97
C LYS A 251 -0.65 30.64 4.57
N HIS A 252 -0.55 29.32 4.63
CA HIS A 252 0.70 28.69 4.24
C HIS A 252 0.89 28.81 2.71
N SER A 253 2.14 28.60 2.26
CA SER A 253 2.45 28.68 0.84
C SER A 253 3.07 27.36 0.35
N ASP A 254 2.27 26.52 -0.32
CA ASP A 254 2.80 25.29 -0.90
C ASP A 254 3.92 25.61 -1.92
N LYS A 255 3.69 26.66 -2.71
CA LYS A 255 4.64 27.03 -3.75
C LYS A 255 6.00 27.42 -3.17
N THR A 256 5.99 28.11 -2.01
CA THR A 256 7.23 28.49 -1.36
C THR A 256 7.98 27.21 -0.96
N ILE A 257 7.24 26.24 -0.44
CA ILE A 257 7.87 25.00 0.01
C ILE A 257 8.50 24.30 -1.20
N ALA A 258 7.75 24.24 -2.31
CA ALA A 258 8.20 23.52 -3.49
C ALA A 258 9.43 24.20 -4.08
N GLU A 259 9.45 25.53 -4.04
CA GLU A 259 10.54 26.31 -4.61
C GLU A 259 11.79 26.16 -3.74
N ALA A 260 11.62 26.19 -2.41
CA ALA A 260 12.73 25.97 -1.48
C ALA A 260 13.32 24.57 -1.68
N SER A 261 12.46 23.59 -1.93
CA SER A 261 12.89 22.23 -2.25
C SER A 261 13.73 22.24 -3.54
N ARG A 262 13.25 22.88 -4.61
CA ARG A 262 13.99 22.96 -5.85
CA ARG A 262 14.00 22.96 -5.85
C ARG A 262 15.40 23.52 -5.59
N ILE A 263 15.47 24.59 -4.78
CA ILE A 263 16.73 25.25 -4.48
C ILE A 263 17.69 24.32 -3.73
N ALA A 264 17.19 23.64 -2.70
CA ALA A 264 17.98 22.73 -1.86
C ALA A 264 18.55 21.59 -2.71
N ILE A 265 17.73 21.03 -3.61
CA ILE A 265 18.13 19.90 -4.42
C ILE A 265 19.26 20.29 -5.38
N GLN A 266 19.18 21.50 -5.95
CA GLN A 266 20.24 22.02 -6.80
C GLN A 266 21.52 22.24 -6.00
N ALA A 267 21.37 22.73 -4.75
CA ALA A 267 22.51 23.09 -3.91
C ALA A 267 23.41 21.87 -3.63
N ILE A 268 22.82 20.68 -3.56
CA ILE A 268 23.54 19.46 -3.18
C ILE A 268 23.95 18.66 -4.40
N ASP A 269 23.54 19.10 -5.58
CA ASP A 269 23.66 18.41 -6.85
C ASP A 269 25.14 18.32 -7.26
N ASN B 3 15.25 0.08 -20.78
CA ASN B 3 14.19 1.09 -21.02
C ASN B 3 12.98 0.46 -21.72
N LYS B 4 13.04 -0.84 -22.02
CA LYS B 4 11.84 -1.54 -22.47
C LYS B 4 10.81 -1.54 -21.32
N SER B 5 11.33 -1.66 -20.10
CA SER B 5 10.54 -1.54 -18.88
C SER B 5 9.96 -0.12 -18.75
N ASP B 6 10.77 0.92 -19.02
CA ASP B 6 10.34 2.31 -18.93
C ASP B 6 9.29 2.62 -19.99
N ALA B 7 9.44 2.05 -21.19
CA ALA B 7 8.47 2.22 -22.27
C ALA B 7 7.13 1.59 -21.88
N ALA B 8 7.18 0.40 -21.27
CA ALA B 8 5.95 -0.28 -20.92
C ALA B 8 5.26 0.49 -19.80
N ALA B 9 6.04 0.97 -18.82
CA ALA B 9 5.52 1.75 -17.72
C ALA B 9 4.80 3.00 -18.25
N LYS B 10 5.40 3.67 -19.25
CA LYS B 10 4.74 4.83 -19.80
C LYS B 10 3.37 4.45 -20.36
N GLN B 11 3.29 3.28 -21.00
CA GLN B 11 2.04 2.86 -21.61
C GLN B 11 0.98 2.55 -20.55
N ILE B 12 1.34 1.90 -19.44
CA ILE B 12 0.37 1.59 -18.41
C ILE B 12 -0.13 2.89 -17.77
N LYS B 13 0.81 3.80 -17.52
CA LYS B 13 0.51 5.08 -16.90
C LYS B 13 -0.52 5.83 -17.75
N LYS B 14 -0.33 5.83 -19.06
CA LYS B 14 -1.23 6.52 -19.96
C LYS B 14 -2.63 5.87 -19.89
N LEU B 15 -2.64 4.52 -19.94
CA LEU B 15 -3.86 3.74 -19.88
C LEU B 15 -4.65 4.05 -18.60
N GLU B 16 -3.95 4.17 -17.47
CA GLU B 16 -4.64 4.43 -16.22
C GLU B 16 -5.19 5.86 -16.22
N GLU B 17 -4.48 6.78 -16.88
CA GLU B 17 -4.95 8.15 -16.96
C GLU B 17 -6.15 8.25 -17.90
N ASP B 18 -6.13 7.45 -18.98
CA ASP B 18 -7.20 7.42 -19.96
C ASP B 18 -8.55 7.11 -19.32
N PHE B 19 -8.58 6.19 -18.34
CA PHE B 19 -9.86 5.78 -17.74
C PHE B 19 -10.01 6.31 -16.31
N ASP B 20 -9.13 7.24 -15.90
CA ASP B 20 -9.20 7.88 -14.60
C ASP B 20 -9.18 6.83 -13.47
N GLY B 21 -8.11 6.03 -13.43
CA GLY B 21 -8.04 4.99 -12.42
C GLY B 21 -6.61 4.61 -12.12
N ARG B 22 -6.44 3.38 -11.61
CA ARG B 22 -5.13 2.92 -11.17
C ARG B 22 -4.95 1.48 -11.65
N ILE B 23 -3.78 1.19 -12.23
CA ILE B 23 -3.50 -0.15 -12.74
C ILE B 23 -2.22 -0.65 -12.06
N GLY B 24 -2.29 -1.89 -11.54
CA GLY B 24 -1.11 -2.54 -11.00
C GLY B 24 -0.81 -3.80 -11.80
N VAL B 25 0.47 -4.01 -12.13
CA VAL B 25 0.89 -5.10 -13.00
C VAL B 25 2.11 -5.81 -12.40
N PHE B 26 2.13 -7.15 -12.51
CA PHE B 26 3.36 -7.91 -12.39
C PHE B 26 3.33 -9.10 -13.35
N ALA B 27 4.42 -9.31 -14.10
CA ALA B 27 4.49 -10.41 -15.05
C ALA B 27 5.87 -11.07 -14.99
N ILE B 28 5.87 -12.41 -15.17
CA ILE B 28 7.07 -13.24 -15.08
C ILE B 28 7.14 -14.12 -16.31
N ASP B 29 8.29 -14.13 -17.00
CA ASP B 29 8.58 -15.21 -17.93
C ASP B 29 9.37 -16.27 -17.16
N THR B 30 8.75 -17.42 -16.86
CA THR B 30 9.38 -18.43 -16.02
C THR B 30 10.57 -19.10 -16.73
N GLY B 31 10.71 -18.88 -18.04
CA GLY B 31 11.79 -19.49 -18.79
C GLY B 31 13.11 -18.72 -18.71
N SER B 32 13.03 -17.39 -18.53
CA SER B 32 14.21 -16.55 -18.46
C SER B 32 14.33 -15.98 -17.05
N GLY B 33 13.22 -15.97 -16.30
CA GLY B 33 13.16 -15.22 -15.04
C GLY B 33 12.92 -13.72 -15.22
N ASN B 34 12.73 -13.24 -16.45
CA ASN B 34 12.53 -11.81 -16.66
C ASN B 34 11.20 -11.38 -16.08
N THR B 35 11.16 -10.19 -15.46
CA THR B 35 9.91 -9.69 -14.90
C THR B 35 9.63 -8.29 -15.40
N PHE B 36 8.37 -7.85 -15.25
CA PHE B 36 7.96 -6.47 -15.42
C PHE B 36 6.92 -6.16 -14.34
N GLY B 37 7.09 -5.00 -13.70
CA GLY B 37 6.17 -4.54 -12.66
C GLY B 37 5.80 -3.07 -12.84
N TYR B 38 4.54 -2.73 -12.54
CA TYR B 38 4.05 -1.36 -12.46
C TYR B 38 3.08 -1.26 -11.30
N ARG B 39 3.37 -0.36 -10.34
CA ARG B 39 2.66 -0.28 -9.07
C ARG B 39 2.60 -1.68 -8.45
N SER B 40 3.66 -2.45 -8.61
CA SER B 40 3.59 -3.89 -8.31
C SER B 40 3.61 -4.16 -6.80
N ASP B 41 3.98 -3.15 -5.99
CA ASP B 41 3.95 -3.27 -4.54
C ASP B 41 2.80 -2.47 -3.92
N GLU B 42 1.95 -1.85 -4.73
CA GLU B 42 0.78 -1.15 -4.17
C GLU B 42 -0.36 -2.15 -3.96
N ARG B 43 -1.25 -1.82 -3.03
CA ARG B 43 -2.34 -2.69 -2.62
C ARG B 43 -3.58 -2.46 -3.50
N PHE B 44 -4.26 -3.57 -3.87
CA PHE B 44 -5.47 -3.56 -4.66
C PHE B 44 -6.45 -4.58 -4.08
N PRO B 45 -7.78 -4.32 -4.09
CA PRO B 45 -8.76 -5.29 -3.59
C PRO B 45 -8.65 -6.61 -4.36
N LEU B 46 -8.79 -7.74 -3.65
CA LEU B 46 -8.71 -9.04 -4.28
C LEU B 46 -10.01 -9.35 -5.03
N CYS B 47 -11.16 -8.95 -4.47
CA CYS B 47 -12.47 -9.38 -4.96
C CYS B 47 -12.45 -10.90 -5.08
N SER B 48 -13.07 -11.45 -6.15
CA SER B 48 -13.26 -12.89 -6.32
C SER B 48 -11.94 -13.59 -6.65
N SER B 49 -10.86 -12.83 -6.95
CA SER B 49 -9.62 -13.47 -7.34
C SER B 49 -9.04 -14.34 -6.22
N PHE B 50 -9.40 -14.04 -4.96
CA PHE B 50 -8.83 -14.80 -3.85
C PHE B 50 -9.34 -16.23 -3.91
N LYS B 51 -10.49 -16.45 -4.57
CA LYS B 51 -11.11 -17.76 -4.66
C LYS B 51 -10.19 -18.76 -5.36
N GLY B 52 -9.37 -18.28 -6.29
CA GLY B 52 -8.34 -19.11 -6.91
C GLY B 52 -7.35 -19.65 -5.88
N PHE B 53 -7.05 -18.89 -4.83
CA PHE B 53 -6.10 -19.31 -3.81
C PHE B 53 -6.83 -20.18 -2.78
N LEU B 54 -8.11 -19.89 -2.53
CA LEU B 54 -8.92 -20.70 -1.64
C LEU B 54 -8.93 -22.15 -2.12
N ALA B 55 -9.07 -22.34 -3.45
CA ALA B 55 -9.12 -23.66 -4.07
C ALA B 55 -7.79 -24.39 -3.86
N ALA B 56 -6.67 -23.65 -3.96
CA ALA B 56 -5.35 -24.21 -3.73
C ALA B 56 -5.20 -24.65 -2.27
N ALA B 57 -5.74 -23.83 -1.34
CA ALA B 57 -5.70 -24.17 0.08
C ALA B 57 -6.43 -25.47 0.36
N VAL B 58 -7.61 -25.68 -0.26
CA VAL B 58 -8.36 -26.93 -0.16
C VAL B 58 -7.50 -28.11 -0.63
N LEU B 59 -6.84 -27.92 -1.79
CA LEU B 59 -6.03 -28.98 -2.38
C LEU B 59 -4.86 -29.36 -1.49
N GLU B 60 -4.27 -28.37 -0.81
CA GLU B 60 -3.19 -28.65 0.12
C GLU B 60 -3.67 -29.51 1.28
N ARG B 61 -4.84 -29.20 1.83
CA ARG B 61 -5.44 -29.96 2.93
C ARG B 61 -5.68 -31.41 2.50
N VAL B 62 -6.19 -31.57 1.26
CA VAL B 62 -6.39 -32.86 0.64
C VAL B 62 -5.06 -33.63 0.58
N GLN B 63 -4.01 -32.97 0.10
CA GLN B 63 -2.69 -33.59 -0.07
C GLN B 63 -2.11 -33.98 1.29
N GLN B 64 -2.44 -33.22 2.35
CA GLN B 64 -1.95 -33.46 3.71
C GLN B 64 -2.81 -34.53 4.38
N LYS B 65 -3.86 -34.98 3.68
CA LYS B 65 -4.77 -36.02 4.15
C LYS B 65 -5.62 -35.52 5.32
N LYS B 66 -5.75 -34.20 5.44
CA LYS B 66 -6.64 -33.63 6.44
C LYS B 66 -8.07 -33.62 5.92
N LEU B 67 -8.23 -33.73 4.59
CA LEU B 67 -9.53 -33.78 3.95
C LEU B 67 -9.43 -34.78 2.80
N ASP B 68 -10.59 -35.25 2.32
CA ASP B 68 -10.69 -36.12 1.14
C ASP B 68 -11.39 -35.36 0.01
N ILE B 69 -10.82 -35.40 -1.20
CA ILE B 69 -11.36 -34.64 -2.32
C ILE B 69 -12.80 -35.07 -2.66
N ASN B 70 -13.19 -36.28 -2.26
CA ASN B 70 -14.48 -36.85 -2.63
C ASN B 70 -15.44 -36.88 -1.46
N GLN B 71 -15.04 -36.33 -0.31
CA GLN B 71 -15.96 -36.37 0.82
C GLN B 71 -17.17 -35.49 0.48
N LYS B 72 -18.33 -35.90 0.98
CA LYS B 72 -19.59 -35.24 0.70
C LYS B 72 -19.73 -34.02 1.61
N VAL B 73 -20.08 -32.87 1.02
CA VAL B 73 -20.29 -31.64 1.77
C VAL B 73 -21.79 -31.32 1.67
N LYS B 74 -22.51 -31.42 2.79
CA LYS B 74 -23.96 -31.23 2.81
C LYS B 74 -24.30 -29.87 3.44
N TYR B 75 -25.41 -29.26 2.99
CA TYR B 75 -25.75 -27.88 3.34
C TYR B 75 -27.24 -27.63 3.06
N GLU B 76 -28.06 -28.66 3.34
CA GLU B 76 -29.44 -28.70 2.86
C GLU B 76 -30.28 -27.59 3.51
N SER B 77 -29.82 -27.08 4.66
CA SER B 77 -30.58 -26.11 5.42
C SER B 77 -30.07 -24.68 5.20
N ARG B 78 -28.96 -24.54 4.45
CA ARG B 78 -28.24 -23.27 4.41
C ARG B 78 -29.01 -22.23 3.60
N ASP B 79 -28.99 -20.97 4.06
CA ASP B 79 -29.44 -19.85 3.26
C ASP B 79 -28.28 -19.42 2.37
N LEU B 80 -28.29 -19.84 1.10
CA LEU B 80 -27.17 -19.62 0.19
C LEU B 80 -27.02 -18.13 -0.14
N GLU B 81 -25.75 -17.68 -0.11
CA GLU B 81 -25.35 -16.32 -0.46
C GLU B 81 -25.74 -16.02 -1.92
N TYR B 82 -26.00 -14.75 -2.23
CA TYR B 82 -26.12 -14.27 -3.60
C TYR B 82 -24.98 -14.79 -4.47
N HIS B 83 -25.32 -15.09 -5.72
CA HIS B 83 -24.43 -15.64 -6.74
C HIS B 83 -23.79 -16.95 -6.26
N SER B 84 -24.65 -17.95 -6.03
CA SER B 84 -24.28 -19.32 -5.71
C SER B 84 -24.94 -20.21 -6.75
N PRO B 85 -24.63 -20.06 -8.07
CA PRO B 85 -25.36 -20.81 -9.10
C PRO B 85 -25.12 -22.31 -9.04
N ILE B 86 -23.92 -22.73 -8.60
CA ILE B 86 -23.57 -24.15 -8.60
C ILE B 86 -24.08 -24.81 -7.31
N THR B 87 -23.71 -24.24 -6.15
CA THR B 87 -24.21 -24.77 -4.89
C THR B 87 -25.75 -24.81 -4.83
N THR B 88 -26.43 -23.84 -5.44
CA THR B 88 -27.89 -23.81 -5.47
C THR B 88 -28.39 -25.07 -6.16
N LYS B 89 -27.68 -25.51 -7.20
CA LYS B 89 -28.24 -26.60 -7.97
C LYS B 89 -28.07 -27.93 -7.24
N TYR B 90 -27.13 -28.03 -6.29
CA TYR B 90 -26.95 -29.32 -5.62
C TYR B 90 -27.33 -29.29 -4.14
N LYS B 91 -28.12 -28.28 -3.74
CA LYS B 91 -28.46 -28.06 -2.34
C LYS B 91 -29.10 -29.31 -1.72
N GLY B 92 -29.97 -30.00 -2.47
CA GLY B 92 -30.66 -31.19 -1.97
C GLY B 92 -29.73 -32.35 -1.66
N SER B 93 -28.68 -32.51 -2.48
CA SER B 93 -27.91 -33.75 -2.48
C SER B 93 -26.50 -33.55 -1.92
N GLY B 94 -26.03 -32.30 -1.84
CA GLY B 94 -24.66 -32.04 -1.44
C GLY B 94 -23.70 -32.08 -2.64
N MET B 95 -22.43 -31.75 -2.39
CA MET B 95 -21.39 -31.80 -3.40
C MET B 95 -20.13 -32.42 -2.79
N THR B 96 -19.26 -33.02 -3.61
CA THR B 96 -17.93 -33.40 -3.16
C THR B 96 -17.13 -32.13 -2.87
N LEU B 97 -16.19 -32.25 -1.92
CA LEU B 97 -15.27 -31.18 -1.57
C LEU B 97 -14.59 -30.64 -2.83
N GLY B 98 -14.11 -31.54 -3.69
CA GLY B 98 -13.44 -31.13 -4.91
C GLY B 98 -14.36 -30.30 -5.81
N ASP B 99 -15.60 -30.78 -6.00
CA ASP B 99 -16.58 -30.11 -6.85
C ASP B 99 -16.92 -28.74 -6.27
N MET B 100 -17.02 -28.67 -4.94
CA MET B 100 -17.36 -27.40 -4.31
C MET B 100 -16.23 -26.38 -4.51
N ALA B 101 -14.98 -26.82 -4.32
CA ALA B 101 -13.83 -25.96 -4.47
C ALA B 101 -13.69 -25.48 -5.92
N SER B 102 -13.90 -26.40 -6.87
CA SER B 102 -13.76 -25.99 -8.27
C SER B 102 -14.88 -25.04 -8.68
N ALA B 103 -16.07 -25.18 -8.06
CA ALA B 103 -17.17 -24.26 -8.28
C ALA B 103 -16.80 -22.86 -7.77
N ALA B 104 -16.21 -22.78 -6.57
CA ALA B 104 -15.75 -21.51 -6.02
C ALA B 104 -14.83 -20.80 -7.01
N LEU B 105 -13.89 -21.55 -7.60
CA LEU B 105 -12.94 -20.98 -8.54
C LEU B 105 -13.61 -20.64 -9.88
N GLN B 106 -14.23 -21.65 -10.54
CA GLN B 106 -14.58 -21.47 -11.94
C GLN B 106 -15.85 -20.64 -12.15
N TYR B 107 -16.72 -20.58 -11.13
CA TYR B 107 -18.00 -19.91 -11.27
C TYR B 107 -18.15 -18.78 -10.24
N SER B 108 -17.11 -18.54 -9.43
CA SER B 108 -17.17 -17.53 -8.38
C SER B 108 -18.35 -17.76 -7.43
N ASP B 109 -18.56 -19.03 -7.03
CA ASP B 109 -19.74 -19.39 -6.27
C ASP B 109 -19.54 -18.95 -4.82
N ASN B 110 -20.37 -18.04 -4.33
CA ASN B 110 -20.19 -17.46 -3.00
C ASN B 110 -20.58 -18.44 -1.89
N GLY B 111 -21.63 -19.27 -2.10
CA GLY B 111 -21.97 -20.27 -1.11
C GLY B 111 -20.81 -21.27 -0.91
N ALA B 112 -20.21 -21.69 -2.04
CA ALA B 112 -19.08 -22.61 -2.05
C ALA B 112 -17.94 -22.01 -1.24
N THR B 113 -17.71 -20.71 -1.45
CA THR B 113 -16.61 -19.97 -0.85
C THR B 113 -16.78 -19.94 0.67
N ASN B 114 -17.95 -19.49 1.13
CA ASN B 114 -18.19 -19.33 2.56
C ASN B 114 -18.23 -20.70 3.25
N ILE B 115 -18.84 -21.72 2.62
CA ILE B 115 -18.90 -23.04 3.20
C ILE B 115 -17.49 -23.56 3.49
N ILE B 116 -16.62 -23.49 2.47
CA ILE B 116 -15.25 -23.97 2.57
C ILE B 116 -14.49 -23.21 3.66
N MET B 117 -14.66 -21.88 3.74
CA MET B 117 -13.98 -21.10 4.77
C MET B 117 -14.52 -21.42 6.18
N GLU B 118 -15.82 -21.64 6.31
CA GLU B 118 -16.42 -21.94 7.61
C GLU B 118 -15.94 -23.30 8.12
N ARG B 119 -15.85 -24.29 7.23
CA ARG B 119 -15.76 -25.66 7.71
C ARG B 119 -14.33 -26.21 7.65
N PHE B 120 -13.53 -25.76 6.67
CA PHE B 120 -12.29 -26.46 6.36
C PHE B 120 -11.07 -25.55 6.44
N LEU B 121 -11.25 -24.23 6.29
CA LEU B 121 -10.07 -23.39 6.13
C LEU B 121 -9.81 -22.46 7.33
N GLY B 122 -10.74 -22.37 8.30
CA GLY B 122 -10.57 -21.49 9.44
C GLY B 122 -10.84 -20.02 9.13
N GLY B 123 -11.79 -19.75 8.22
CA GLY B 123 -12.28 -18.41 7.97
C GLY B 123 -11.23 -17.54 7.26
N PRO B 124 -11.47 -16.22 7.12
CA PRO B 124 -10.48 -15.29 6.57
C PRO B 124 -9.09 -15.36 7.21
N GLU B 125 -9.04 -15.54 8.54
CA GLU B 125 -7.77 -15.70 9.23
C GLU B 125 -7.00 -16.93 8.69
N GLY B 126 -7.68 -18.07 8.55
CA GLY B 126 -7.09 -19.33 8.08
C GLY B 126 -6.67 -19.22 6.61
N MET B 127 -7.47 -18.52 5.80
CA MET B 127 -7.11 -18.24 4.41
C MET B 127 -5.81 -17.46 4.38
N THR B 128 -5.69 -16.42 5.22
CA THR B 128 -4.49 -15.61 5.29
C THR B 128 -3.31 -16.46 5.78
N LYS B 129 -3.56 -17.36 6.74
CA LYS B 129 -2.48 -18.20 7.28
C LYS B 129 -1.90 -19.09 6.18
N PHE B 130 -2.79 -19.65 5.33
CA PHE B 130 -2.37 -20.44 4.18
C PHE B 130 -1.39 -19.65 3.30
N MET B 131 -1.73 -18.40 2.98
CA MET B 131 -0.89 -17.59 2.11
C MET B 131 0.46 -17.30 2.78
N ARG B 132 0.45 -16.99 4.09
CA ARG B 132 1.67 -16.82 4.86
C ARG B 132 2.52 -18.09 4.80
N SER B 133 1.87 -19.27 4.79
CA SER B 133 2.56 -20.55 4.80
C SER B 133 3.34 -20.79 3.51
N ILE B 134 2.97 -20.12 2.41
CA ILE B 134 3.71 -20.30 1.17
C ILE B 134 4.66 -19.12 0.96
N GLY B 135 4.78 -18.23 1.96
CA GLY B 135 5.73 -17.13 1.91
C GLY B 135 5.15 -15.86 1.28
N ASP B 136 3.82 -15.78 1.19
CA ASP B 136 3.15 -14.59 0.71
C ASP B 136 2.83 -13.69 1.92
N ASN B 137 3.58 -12.58 2.05
CA ASN B 137 3.47 -11.72 3.22
C ASN B 137 2.54 -10.52 2.98
N GLU B 138 2.05 -10.35 1.75
CA GLU B 138 1.23 -9.19 1.43
C GLU B 138 -0.26 -9.50 1.51
N PHE B 139 -0.68 -10.69 1.05
CA PHE B 139 -2.09 -11.06 0.97
C PHE B 139 -2.76 -10.95 2.34
N ARG B 140 -3.96 -10.37 2.39
CA ARG B 140 -4.73 -10.39 3.63
C ARG B 140 -6.21 -10.51 3.28
N LEU B 141 -6.87 -11.49 3.90
CA LEU B 141 -8.31 -11.57 3.80
C LEU B 141 -8.87 -11.26 5.18
N ASP B 142 -9.79 -10.29 5.25
CA ASP B 142 -10.24 -9.78 6.53
C ASP B 142 -11.70 -10.16 6.78
N ARG B 143 -12.49 -10.27 5.70
CA ARG B 143 -13.94 -10.39 5.81
C ARG B 143 -14.43 -11.62 5.02
N TRP B 144 -15.72 -11.94 5.14
CA TRP B 144 -16.37 -13.02 4.42
C TRP B 144 -17.01 -12.51 3.13
N GLU B 145 -17.47 -13.43 2.27
CA GLU B 145 -18.35 -13.04 1.17
C GLU B 145 -19.67 -12.60 1.79
N LEU B 146 -20.26 -11.48 1.34
CA LEU B 146 -19.85 -10.69 0.19
C LEU B 146 -19.22 -9.38 0.64
N GLU B 147 -19.13 -9.12 1.96
CA GLU B 147 -18.63 -7.86 2.49
C GLU B 147 -17.19 -7.57 2.01
N LEU B 148 -16.44 -8.62 1.64
CA LEU B 148 -15.02 -8.46 1.30
C LEU B 148 -14.84 -7.68 -0.01
N ASN B 149 -15.96 -7.36 -0.68
CA ASN B 149 -16.01 -6.80 -2.03
C ASN B 149 -16.27 -5.29 -2.05
N THR B 150 -16.21 -4.58 -0.90
CA THR B 150 -16.58 -3.16 -0.88
C THR B 150 -15.64 -2.28 -1.71
N ALA B 151 -14.34 -2.63 -1.81
CA ALA B 151 -13.37 -1.88 -2.60
C ALA B 151 -13.36 -0.38 -2.30
N ILE B 152 -13.51 -0.01 -1.02
CA ILE B 152 -13.47 1.39 -0.60
C ILE B 152 -12.06 1.95 -0.78
N PRO B 153 -11.86 3.06 -1.53
CA PRO B 153 -10.52 3.66 -1.69
C PRO B 153 -9.84 3.89 -0.33
N GLY B 154 -8.59 3.44 -0.21
CA GLY B 154 -7.79 3.67 1.00
C GLY B 154 -7.94 2.53 2.00
N ASP B 155 -8.94 1.67 1.80
CA ASP B 155 -9.16 0.53 2.67
C ASP B 155 -8.14 -0.57 2.34
N LYS B 156 -7.41 -1.04 3.38
CA LYS B 156 -6.43 -2.09 3.16
C LYS B 156 -7.00 -3.49 3.38
N ARG B 157 -8.24 -3.59 3.91
CA ARG B 157 -8.86 -4.90 4.08
C ARG B 157 -8.99 -5.62 2.73
N ASP B 158 -8.71 -6.95 2.73
CA ASP B 158 -9.02 -7.81 1.58
C ASP B 158 -8.27 -7.33 0.35
N THR B 159 -6.97 -7.02 0.54
CA THR B 159 -6.10 -6.56 -0.53
C THR B 159 -4.90 -7.50 -0.64
N SER B 160 -4.22 -7.40 -1.79
CA SER B 160 -2.84 -7.86 -1.94
C SER B 160 -2.13 -6.91 -2.91
N THR B 161 -0.96 -7.32 -3.41
CA THR B 161 -0.24 -6.54 -4.39
C THR B 161 -0.14 -7.38 -5.67
N PRO B 162 0.00 -6.77 -6.86
CA PRO B 162 0.18 -7.55 -8.09
C PRO B 162 1.36 -8.53 -8.06
N LYS B 163 2.48 -8.11 -7.45
CA LYS B 163 3.69 -8.91 -7.37
C LYS B 163 3.44 -10.13 -6.48
N ALA B 164 2.79 -9.91 -5.34
CA ALA B 164 2.61 -10.99 -4.38
C ALA B 164 1.65 -12.02 -4.97
N VAL B 165 0.64 -11.53 -5.68
CA VAL B 165 -0.33 -12.41 -6.34
C VAL B 165 0.41 -13.23 -7.42
N ALA B 166 1.26 -12.59 -8.22
CA ALA B 166 1.99 -13.29 -9.27
C ALA B 166 2.93 -14.35 -8.68
N ASN B 167 3.67 -13.95 -7.62
CA ASN B 167 4.61 -14.86 -6.98
C ASN B 167 3.89 -16.08 -6.42
N SER B 168 2.79 -15.85 -5.71
CA SER B 168 2.01 -16.93 -5.13
C SER B 168 1.42 -17.85 -6.20
N LEU B 169 0.87 -17.27 -7.29
CA LEU B 169 0.34 -18.09 -8.36
C LEU B 169 1.44 -18.95 -8.98
N ASN B 170 2.67 -18.39 -9.09
CA ASN B 170 3.81 -19.12 -9.59
C ASN B 170 4.09 -20.35 -8.72
N LYS B 171 4.16 -20.12 -7.40
CA LYS B 171 4.45 -21.17 -6.42
C LYS B 171 3.38 -22.27 -6.47
N LEU B 172 2.12 -21.88 -6.60
CA LEU B 172 1.00 -22.79 -6.52
C LEU B 172 0.77 -23.55 -7.81
N ALA B 173 0.66 -22.84 -8.94
CA ALA B 173 0.37 -23.46 -10.22
C ALA B 173 1.59 -24.15 -10.86
N LEU B 174 2.81 -23.67 -10.55
CA LEU B 174 4.00 -24.15 -11.27
C LEU B 174 5.06 -24.71 -10.33
N GLY B 175 5.00 -24.36 -9.04
CA GLY B 175 6.09 -24.69 -8.12
C GLY B 175 5.78 -25.95 -7.32
N ASN B 176 6.22 -25.95 -6.06
CA ASN B 176 6.36 -27.19 -5.30
C ASN B 176 5.36 -27.29 -4.16
N VAL B 177 4.46 -26.32 -4.01
CA VAL B 177 3.54 -26.38 -2.89
C VAL B 177 2.65 -27.62 -3.01
N LEU B 178 2.11 -27.85 -4.21
CA LEU B 178 1.28 -29.03 -4.45
C LEU B 178 2.13 -30.07 -5.18
N ASN B 179 1.90 -31.35 -4.88
CA ASN B 179 2.64 -32.41 -5.55
C ASN B 179 2.16 -32.54 -6.98
N ALA B 180 2.87 -33.32 -7.81
CA ALA B 180 2.65 -33.37 -9.25
C ALA B 180 1.18 -33.66 -9.58
N LYS B 181 0.59 -34.59 -8.81
CA LYS B 181 -0.77 -35.07 -9.03
C LYS B 181 -1.79 -33.99 -8.70
N VAL B 182 -1.67 -33.38 -7.52
CA VAL B 182 -2.63 -32.40 -7.05
C VAL B 182 -2.42 -31.09 -7.82
N LYS B 183 -1.16 -30.76 -8.16
CA LYS B 183 -0.88 -29.58 -8.98
C LYS B 183 -1.62 -29.69 -10.33
N ALA B 184 -1.65 -30.89 -10.93
CA ALA B 184 -2.34 -31.11 -12.21
C ALA B 184 -3.84 -30.82 -12.07
N ILE B 185 -4.42 -31.16 -10.90
CA ILE B 185 -5.82 -30.87 -10.66
C ILE B 185 -6.03 -29.36 -10.60
N TYR B 186 -5.13 -28.66 -9.88
CA TYR B 186 -5.24 -27.23 -9.71
C TYR B 186 -5.16 -26.54 -11.08
N GLN B 187 -4.22 -27.00 -11.92
CA GLN B 187 -4.01 -26.43 -13.24
C GLN B 187 -5.29 -26.60 -14.06
N ASN B 188 -5.88 -27.80 -14.01
CA ASN B 188 -7.11 -28.08 -14.75
C ASN B 188 -8.23 -27.15 -14.28
N TRP B 189 -8.33 -26.93 -12.95
CA TRP B 189 -9.35 -26.03 -12.41
C TRP B 189 -9.18 -24.63 -13.00
N LEU B 190 -7.95 -24.09 -12.96
CA LEU B 190 -7.65 -22.78 -13.51
C LEU B 190 -7.96 -22.73 -15.01
N LYS B 191 -7.54 -23.77 -15.75
CA LYS B 191 -7.79 -23.82 -17.19
C LYS B 191 -9.29 -23.75 -17.49
N GLY B 192 -10.13 -24.32 -16.60
CA GLY B 192 -11.57 -24.33 -16.80
C GLY B 192 -12.31 -23.12 -16.21
N ASN B 193 -11.60 -22.07 -15.76
CA ASN B 193 -12.27 -20.87 -15.27
C ASN B 193 -13.21 -20.31 -16.35
N THR B 194 -14.43 -19.87 -15.96
CA THR B 194 -15.43 -19.46 -16.94
C THR B 194 -15.61 -17.94 -17.01
N THR B 195 -14.92 -17.17 -16.16
CA THR B 195 -15.25 -15.76 -16.00
C THR B 195 -14.22 -14.82 -16.63
N GLY B 196 -13.23 -15.36 -17.33
CA GLY B 196 -12.05 -14.56 -17.66
C GLY B 196 -11.84 -14.31 -19.15
N ASP B 197 -12.88 -14.58 -19.97
CA ASP B 197 -12.75 -14.57 -21.42
C ASP B 197 -12.41 -13.19 -22.00
N ALA B 198 -12.73 -12.10 -21.28
CA ALA B 198 -12.54 -10.78 -21.88
C ALA B 198 -11.28 -10.11 -21.33
N ARG B 199 -10.46 -10.86 -20.57
CA ARG B 199 -9.37 -10.24 -19.84
C ARG B 199 -8.04 -10.79 -20.35
N ILE B 200 -7.28 -11.49 -19.48
CA ILE B 200 -5.96 -11.96 -19.89
C ILE B 200 -6.08 -12.89 -21.09
N ARG B 201 -7.10 -13.76 -21.09
CA ARG B 201 -7.35 -14.67 -22.20
C ARG B 201 -7.44 -13.90 -23.52
N ALA B 202 -7.98 -12.68 -23.48
CA ALA B 202 -8.21 -11.92 -24.72
C ALA B 202 -6.91 -11.30 -25.21
N SER B 203 -5.83 -11.42 -24.44
CA SER B 203 -4.59 -10.73 -24.78
C SER B 203 -3.55 -11.66 -25.44
N VAL B 204 -3.87 -12.95 -25.64
CA VAL B 204 -2.94 -13.93 -26.19
C VAL B 204 -3.63 -14.72 -27.30
N PRO B 205 -2.88 -15.36 -28.23
CA PRO B 205 -3.49 -16.18 -29.28
C PRO B 205 -4.40 -17.31 -28.78
N ALA B 206 -5.41 -17.64 -29.59
CA ALA B 206 -6.41 -18.66 -29.29
C ALA B 206 -5.76 -19.99 -28.89
N ASP B 207 -4.57 -20.28 -29.43
CA ASP B 207 -3.99 -21.60 -29.22
C ASP B 207 -2.98 -21.61 -28.08
N TRP B 208 -2.81 -20.50 -27.36
CA TRP B 208 -2.08 -20.58 -26.10
C TRP B 208 -3.03 -21.06 -25.01
N VAL B 209 -2.51 -21.87 -24.07
CA VAL B 209 -3.38 -22.43 -23.05
C VAL B 209 -3.31 -21.51 -21.83
N VAL B 210 -4.47 -21.18 -21.24
CA VAL B 210 -4.54 -20.21 -20.15
C VAL B 210 -5.37 -20.81 -19.03
N GLY B 211 -4.85 -20.68 -17.80
CA GLY B 211 -5.65 -20.84 -16.58
C GLY B 211 -5.68 -19.49 -15.85
N ASP B 212 -6.85 -19.09 -15.32
CA ASP B 212 -6.95 -17.75 -14.73
C ASP B 212 -8.00 -17.75 -13.63
N LYS B 213 -7.98 -16.67 -12.82
CA LYS B 213 -9.12 -16.31 -11.96
C LYS B 213 -9.26 -14.78 -11.97
N THR B 214 -10.50 -14.32 -12.22
CA THR B 214 -10.85 -12.90 -12.24
C THR B 214 -11.41 -12.46 -10.88
N GLY B 215 -11.45 -11.13 -10.69
CA GLY B 215 -12.21 -10.51 -9.62
C GLY B 215 -12.93 -9.29 -10.18
N SER B 216 -14.19 -9.11 -9.74
CA SER B 216 -15.03 -8.00 -10.16
C SER B 216 -15.85 -7.50 -8.96
N CYS B 217 -15.23 -6.68 -8.10
CA CYS B 217 -15.82 -6.26 -6.83
C CYS B 217 -17.24 -5.70 -7.03
N GLY B 218 -17.45 -4.93 -8.10
CA GLY B 218 -18.75 -4.34 -8.38
C GLY B 218 -18.91 -2.96 -7.72
N ALA B 219 -17.79 -2.35 -7.31
CA ALA B 219 -17.79 -0.98 -6.83
C ALA B 219 -16.45 -0.37 -7.23
N TYR B 220 -16.42 0.95 -7.48
CA TYR B 220 -15.18 1.67 -7.71
C TYR B 220 -14.42 1.11 -8.92
N GLY B 221 -15.16 0.69 -9.95
CA GLY B 221 -14.58 0.11 -11.17
C GLY B 221 -13.46 -0.88 -10.88
N THR B 222 -13.56 -1.62 -9.76
CA THR B 222 -12.48 -2.49 -9.27
C THR B 222 -12.62 -3.89 -9.86
N ALA B 223 -11.58 -4.32 -10.58
CA ALA B 223 -11.58 -5.59 -11.30
C ALA B 223 -10.14 -6.03 -11.56
N ASN B 224 -9.95 -7.33 -11.77
CA ASN B 224 -8.61 -7.89 -11.87
C ASN B 224 -8.62 -9.26 -12.55
N ASP B 225 -7.41 -9.78 -12.77
CA ASP B 225 -7.23 -11.10 -13.37
C ASP B 225 -5.78 -11.52 -13.11
N TYR B 226 -5.60 -12.79 -12.78
CA TYR B 226 -4.27 -13.40 -12.81
C TYR B 226 -4.35 -14.71 -13.60
N ALA B 227 -3.21 -15.07 -14.21
CA ALA B 227 -3.17 -16.17 -15.16
C ALA B 227 -1.79 -16.84 -15.19
N VAL B 228 -1.80 -18.15 -15.44
CA VAL B 228 -0.68 -18.91 -15.94
C VAL B 228 -1.00 -19.15 -17.41
N ILE B 229 -0.03 -18.84 -18.28
CA ILE B 229 -0.17 -18.90 -19.73
C ILE B 229 0.92 -19.85 -20.24
N TRP B 230 0.50 -20.90 -20.97
CA TRP B 230 1.43 -21.78 -21.66
C TRP B 230 1.52 -21.40 -23.13
N PRO B 231 2.53 -20.62 -23.59
CA PRO B 231 2.63 -20.26 -24.99
C PRO B 231 3.04 -21.52 -25.74
N LYS B 232 2.64 -21.61 -27.02
CA LYS B 232 3.02 -22.72 -27.88
C LYS B 232 4.54 -22.87 -27.85
N ASN B 233 5.02 -24.05 -27.42
CA ASN B 233 6.42 -24.45 -27.44
C ASN B 233 7.31 -23.68 -26.46
N ARG B 234 6.75 -22.81 -25.59
CA ARG B 234 7.58 -21.99 -24.71
C ARG B 234 7.30 -22.30 -23.24
N ALA B 235 8.21 -21.88 -22.35
CA ALA B 235 8.02 -21.98 -20.92
C ALA B 235 6.85 -21.09 -20.50
N PRO B 236 6.08 -21.46 -19.45
CA PRO B 236 4.92 -20.66 -19.02
C PRO B 236 5.22 -19.21 -18.56
N LEU B 237 4.21 -18.34 -18.70
CA LEU B 237 4.22 -16.95 -18.23
C LEU B 237 3.26 -16.85 -17.06
N ILE B 238 3.50 -15.88 -16.16
CA ILE B 238 2.57 -15.52 -15.10
C ILE B 238 2.24 -14.04 -15.28
N VAL B 239 0.95 -13.71 -15.25
CA VAL B 239 0.50 -12.34 -15.45
C VAL B 239 -0.55 -12.04 -14.36
N SER B 240 -0.36 -10.89 -13.72
CA SER B 240 -1.21 -10.40 -12.64
C SER B 240 -1.55 -8.93 -12.91
N ILE B 241 -2.84 -8.64 -13.10
CA ILE B 241 -3.35 -7.31 -13.44
C ILE B 241 -4.47 -6.93 -12.46
N TYR B 242 -4.28 -5.85 -11.70
CA TYR B 242 -5.27 -5.33 -10.76
C TYR B 242 -5.60 -3.88 -11.13
N THR B 243 -6.89 -3.48 -11.04
CA THR B 243 -7.33 -2.13 -11.37
C THR B 243 -8.34 -1.62 -10.33
N THR B 244 -8.34 -0.30 -10.11
CA THR B 244 -9.38 0.42 -9.39
C THR B 244 -9.71 1.69 -10.21
N ARG B 245 -10.86 2.28 -9.89
CA ARG B 245 -11.25 3.54 -10.50
C ARG B 245 -11.65 4.57 -9.45
N LYS B 246 -11.70 5.83 -9.87
CA LYS B 246 -11.86 6.93 -8.94
C LYS B 246 -13.24 6.90 -8.27
N SER B 247 -14.32 6.71 -9.04
CA SER B 247 -15.67 6.94 -8.49
C SER B 247 -16.40 5.64 -8.20
N LYS B 248 -17.28 5.71 -7.19
CA LYS B 248 -18.03 4.57 -6.71
C LYS B 248 -18.78 3.88 -7.84
N ASP B 249 -19.36 4.68 -8.73
CA ASP B 249 -20.28 4.17 -9.73
C ASP B 249 -19.56 3.79 -11.01
N ASP B 250 -18.24 3.99 -11.07
CA ASP B 250 -17.47 3.60 -12.25
C ASP B 250 -17.57 2.08 -12.43
N LYS B 251 -17.72 1.66 -13.69
CA LYS B 251 -17.75 0.24 -14.04
C LYS B 251 -16.34 -0.20 -14.34
N HIS B 252 -16.09 -1.50 -14.17
CA HIS B 252 -14.77 -2.01 -14.44
C HIS B 252 -14.53 -2.02 -15.95
N SER B 253 -13.26 -2.13 -16.35
CA SER B 253 -12.92 -2.10 -17.76
C SER B 253 -12.15 -3.36 -18.14
N ASP B 254 -12.84 -4.37 -18.70
CA ASP B 254 -12.19 -5.57 -19.22
C ASP B 254 -11.13 -5.21 -20.25
N LYS B 255 -11.43 -4.23 -21.13
CA LYS B 255 -10.50 -3.84 -22.19
C LYS B 255 -9.19 -3.31 -21.62
N THR B 256 -9.29 -2.52 -20.53
CA THR B 256 -8.09 -1.97 -19.93
C THR B 256 -7.26 -3.13 -19.38
N ILE B 257 -7.93 -4.12 -18.79
CA ILE B 257 -7.21 -5.25 -18.22
C ILE B 257 -6.48 -6.00 -19.35
N ALA B 258 -7.19 -6.26 -20.45
CA ALA B 258 -6.63 -7.03 -21.56
C ALA B 258 -5.45 -6.28 -22.18
N GLU B 259 -5.59 -4.94 -22.25
CA GLU B 259 -4.55 -4.12 -22.85
C GLU B 259 -3.31 -4.08 -21.96
N ALA B 260 -3.50 -3.94 -20.65
CA ALA B 260 -2.40 -3.97 -19.70
C ALA B 260 -1.67 -5.32 -19.75
N SER B 261 -2.44 -6.41 -19.92
CA SER B 261 -1.85 -7.73 -20.10
C SER B 261 -1.00 -7.77 -21.37
N ARG B 262 -1.50 -7.27 -22.51
CA ARG B 262 -0.74 -7.23 -23.75
C ARG B 262 0.57 -6.50 -23.50
N ILE B 263 0.52 -5.36 -22.82
CA ILE B 263 1.70 -4.53 -22.57
C ILE B 263 2.73 -5.28 -21.71
N ALA B 264 2.27 -5.92 -20.61
CA ALA B 264 3.12 -6.67 -19.69
C ALA B 264 3.83 -7.83 -20.40
N ILE B 265 3.10 -8.55 -21.27
CA ILE B 265 3.62 -9.72 -21.97
C ILE B 265 4.74 -9.30 -22.92
N GLN B 266 4.55 -8.16 -23.59
CA GLN B 266 5.58 -7.61 -24.46
C GLN B 266 6.81 -7.18 -23.66
N ALA B 267 6.57 -6.57 -22.49
CA ALA B 267 7.63 -6.04 -21.65
C ALA B 267 8.63 -7.11 -21.21
N ILE B 268 8.17 -8.36 -21.06
CA ILE B 268 9.00 -9.45 -20.55
C ILE B 268 9.57 -10.29 -21.69
N ASP B 269 9.17 -10.00 -22.93
CA ASP B 269 9.45 -10.95 -23.99
C ASP B 269 10.89 -10.78 -24.48
#